data_5RZU
#
_entry.id   5RZU
#
_cell.length_a   38.569
_cell.length_b   77.517
_cell.length_c   99.762
_cell.angle_alpha   90.000
_cell.angle_beta   90.000
_cell.angle_gamma   90.000
#
_symmetry.space_group_name_H-M   'P 21 21 21'
#
loop_
_entity.id
_entity.type
_entity.pdbx_description
1 polymer 'Isoform 2 of Band 4.1-like protein 3'
2 non-polymer 1-(3-methylbenzene-1-carbonyl)piperidine-4-carboxamide
3 non-polymer 'DIMETHYL SULFOXIDE'
4 non-polymer 1,2-ETHANEDIOL
5 water water
#
_entity_poly.entity_id   1
_entity_poly.type   'polypeptide(L)'
_entity_poly.pdbx_seq_one_letter_code
;SMPKSMQCKVILLDGSEYTCDVEKRSRGQVLFDKVCEHLNLLEKDYFGLTYRDAENQKNWLDPAKEIKKQVRSGAWHFSF
NVKFYPPDPAQLSEDITRYYLCLQLRDDIVSGRLPCSFVTLALLGSYTVQSELGDYDPDECGSDYISEFRFAPNHTKELE
DKVIELHKSHRGMTPAEAEMHFLENAKKLSMYGVDLHHAKDSEGVEIMLGVCASGLLIYRDRLRINRFAWPKVLKISYKR
NNFYIKIRPGEFEQFESTIGFKLPNHRAAKRLWKVCVEHHTFFRLL
;
_entity_poly.pdbx_strand_id   A
#
# COMPACT_ATOMS: atom_id res chain seq x y z
N PRO A 3 6.70 -33.69 12.83
CA PRO A 3 6.51 -32.23 12.83
C PRO A 3 5.31 -31.83 11.96
N LYS A 4 4.27 -31.28 12.57
CA LYS A 4 2.99 -31.05 11.86
C LYS A 4 3.01 -29.71 11.13
N SER A 5 2.68 -29.73 9.84
N SER A 5 2.72 -29.75 9.84
CA SER A 5 2.77 -28.56 8.94
CA SER A 5 2.74 -28.58 8.93
C SER A 5 1.38 -28.12 8.46
C SER A 5 1.31 -28.07 8.74
N MET A 6 1.18 -26.81 8.35
CA MET A 6 -0.12 -26.20 7.95
C MET A 6 0.07 -25.69 6.53
N GLN A 7 -0.93 -25.88 5.70
CA GLN A 7 -0.91 -25.36 4.32
C GLN A 7 -1.22 -23.86 4.32
N CYS A 8 -0.43 -23.08 3.59
CA CYS A 8 -0.61 -21.61 3.49
C CYS A 8 -0.92 -21.26 2.05
N LYS A 9 -1.93 -20.42 1.81
CA LYS A 9 -2.28 -19.91 0.48
C LYS A 9 -2.07 -18.40 0.48
N VAL A 10 -1.26 -17.91 -0.48
CA VAL A 10 -0.87 -16.47 -0.57
C VAL A 10 -1.31 -15.97 -1.92
N ILE A 11 -2.16 -14.94 -1.94
CA ILE A 11 -2.51 -14.20 -3.17
C ILE A 11 -1.34 -13.27 -3.49
N LEU A 12 -0.72 -13.49 -4.63
CA LEU A 12 0.41 -12.68 -5.15
C LEU A 12 -0.13 -11.46 -5.90
N LEU A 13 0.74 -10.48 -6.12
CA LEU A 13 0.30 -9.18 -6.67
C LEU A 13 -0.15 -9.31 -8.13
N ASP A 14 0.22 -10.39 -8.83
CA ASP A 14 -0.29 -10.66 -10.21
C ASP A 14 -1.65 -11.35 -10.15
N GLY A 15 -2.19 -11.57 -8.95
CA GLY A 15 -3.50 -12.24 -8.75
C GLY A 15 -3.38 -13.76 -8.71
N SER A 16 -2.17 -14.31 -8.89
CA SER A 16 -1.97 -15.78 -8.79
C SER A 16 -1.88 -16.18 -7.30
N GLU A 17 -2.00 -17.48 -7.06
CA GLU A 17 -1.98 -18.12 -5.71
C GLU A 17 -0.70 -18.92 -5.55
N TYR A 18 0.08 -18.66 -4.50
CA TYR A 18 1.21 -19.51 -4.09
C TYR A 18 0.77 -20.34 -2.90
N THR A 19 1.07 -21.63 -2.92
CA THR A 19 0.75 -22.58 -1.84
C THR A 19 2.06 -23.10 -1.30
N CYS A 20 2.21 -23.09 0.01
CA CYS A 20 3.34 -23.79 0.67
C CYS A 20 2.91 -24.26 2.03
N ASP A 21 3.80 -24.95 2.72
CA ASP A 21 3.55 -25.51 4.06
C ASP A 21 4.59 -24.95 4.99
N VAL A 22 4.21 -24.70 6.24
CA VAL A 22 5.13 -24.30 7.34
C VAL A 22 4.75 -25.12 8.56
N GLU A 23 5.69 -25.35 9.48
CA GLU A 23 5.39 -25.98 10.77
C GLU A 23 4.32 -25.12 11.46
N LYS A 24 3.40 -25.76 12.19
CA LYS A 24 2.17 -25.07 12.68
C LYS A 24 2.50 -24.00 13.73
N ARG A 25 3.65 -24.10 14.41
CA ARG A 25 4.09 -23.08 15.40
C ARG A 25 5.02 -22.03 14.75
N SER A 26 5.13 -22.03 13.44
CA SER A 26 6.02 -21.10 12.68
C SER A 26 5.63 -19.65 12.96
N ARG A 27 6.63 -18.77 13.01
CA ARG A 27 6.49 -17.30 13.07
C ARG A 27 6.20 -16.78 11.66
N GLY A 28 5.61 -15.60 11.53
CA GLY A 28 5.27 -15.07 10.20
C GLY A 28 6.48 -14.97 9.28
N GLN A 29 7.66 -14.62 9.84
CA GLN A 29 8.88 -14.44 9.02
C GLN A 29 9.14 -15.69 8.17
N VAL A 30 8.83 -16.89 8.70
CA VAL A 30 9.11 -18.17 7.96
C VAL A 30 8.32 -18.17 6.65
N LEU A 31 7.00 -17.94 6.72
CA LEU A 31 6.16 -17.87 5.51
C LEU A 31 6.65 -16.74 4.59
N PHE A 32 6.89 -15.57 5.13
CA PHE A 32 7.29 -14.40 4.34
C PHE A 32 8.58 -14.74 3.56
N ASP A 33 9.55 -15.35 4.23
CA ASP A 33 10.83 -15.74 3.55
C ASP A 33 10.51 -16.66 2.39
N LYS A 34 9.67 -17.69 2.57
CA LYS A 34 9.29 -18.62 1.48
C LYS A 34 8.64 -17.85 0.32
N VAL A 35 7.75 -16.90 0.62
CA VAL A 35 7.08 -16.16 -0.48
C VAL A 35 8.11 -15.32 -1.26
N CYS A 36 8.91 -14.54 -0.55
CA CYS A 36 9.94 -13.68 -1.15
C CYS A 36 10.92 -14.52 -1.96
N GLU A 37 11.33 -15.70 -1.47
CA GLU A 37 12.21 -16.58 -2.29
C GLU A 37 11.47 -16.93 -3.57
N HIS A 38 10.22 -17.38 -3.50
CA HIS A 38 9.41 -17.70 -4.68
C HIS A 38 9.42 -16.49 -5.65
N LEU A 39 9.34 -15.28 -5.11
CA LEU A 39 9.20 -14.08 -5.97
C LEU A 39 10.57 -13.58 -6.47
N ASN A 40 11.69 -14.17 -6.04
CA ASN A 40 13.07 -13.67 -6.32
C ASN A 40 13.23 -12.22 -5.82
N LEU A 41 12.67 -11.94 -4.66
CA LEU A 41 12.66 -10.58 -4.08
C LEU A 41 13.71 -10.54 -2.95
N LEU A 42 14.68 -9.64 -3.12
CA LEU A 42 15.76 -9.39 -2.14
C LEU A 42 15.46 -8.17 -1.29
N GLU A 43 14.85 -7.14 -1.86
CA GLU A 43 14.57 -5.90 -1.10
C GLU A 43 13.25 -6.10 -0.36
N LYS A 44 13.26 -6.97 0.64
CA LYS A 44 12.03 -7.47 1.29
C LYS A 44 11.45 -6.47 2.30
N ASP A 45 12.24 -5.50 2.77
CA ASP A 45 11.91 -4.57 3.87
C ASP A 45 10.61 -3.80 3.57
N TYR A 46 10.28 -3.57 2.30
CA TYR A 46 9.12 -2.72 1.94
C TYR A 46 7.82 -3.52 1.93
N PHE A 47 7.89 -4.85 2.08
CA PHE A 47 6.72 -5.75 1.83
C PHE A 47 6.31 -6.46 3.13
N GLY A 48 5.16 -7.11 3.08
CA GLY A 48 4.60 -7.91 4.18
C GLY A 48 3.48 -8.78 3.66
N LEU A 49 2.92 -9.57 4.54
CA LEU A 49 1.73 -10.39 4.26
C LEU A 49 0.58 -9.84 5.10
N THR A 50 -0.60 -9.82 4.51
CA THR A 50 -1.81 -9.44 5.22
C THR A 50 -2.68 -10.69 5.34
N TYR A 51 -3.56 -10.66 6.33
CA TYR A 51 -4.65 -11.65 6.47
C TYR A 51 -5.89 -10.85 6.88
N ARG A 52 -7.04 -11.53 6.82
CA ARG A 52 -8.35 -10.98 7.27
C ARG A 52 -8.66 -11.57 8.64
N ASP A 53 -9.05 -10.74 9.61
CA ASP A 53 -9.35 -11.19 11.00
C ASP A 53 -10.81 -11.63 11.04
N ALA A 54 -11.25 -12.06 12.24
CA ALA A 54 -12.61 -12.57 12.50
C ALA A 54 -13.63 -11.46 12.22
N GLU A 55 -13.22 -10.19 12.26
CA GLU A 55 -14.09 -9.03 11.90
C GLU A 55 -13.97 -8.69 10.39
N ASN A 56 -13.23 -9.49 9.60
CA ASN A 56 -12.92 -9.28 8.15
C ASN A 56 -12.05 -8.02 7.90
N GLN A 57 -11.25 -7.55 8.85
CA GLN A 57 -10.38 -6.36 8.62
C GLN A 57 -9.02 -6.89 8.11
N LYS A 58 -8.36 -6.17 7.21
CA LYS A 58 -6.96 -6.43 6.81
C LYS A 58 -6.06 -6.16 8.00
N ASN A 59 -5.21 -7.11 8.34
CA ASN A 59 -4.18 -7.00 9.39
C ASN A 59 -2.84 -7.40 8.78
N TRP A 60 -1.77 -6.74 9.20
CA TRP A 60 -0.41 -7.15 8.82
C TRP A 60 -0.03 -8.39 9.63
N LEU A 61 0.45 -9.43 8.98
CA LEU A 61 1.02 -10.59 9.70
C LEU A 61 2.32 -10.13 10.34
N ASP A 62 2.42 -10.19 11.67
CA ASP A 62 3.67 -9.80 12.37
C ASP A 62 4.70 -10.91 12.19
N PRO A 63 5.83 -10.61 11.52
CA PRO A 63 6.81 -11.65 11.22
C PRO A 63 7.45 -12.25 12.48
N ALA A 64 7.38 -11.50 13.59
CA ALA A 64 8.01 -11.90 14.88
C ALA A 64 7.10 -12.80 15.71
N LYS A 65 5.81 -12.91 15.38
CA LYS A 65 4.82 -13.66 16.20
C LYS A 65 4.39 -14.94 15.48
N GLU A 66 3.95 -15.94 16.24
CA GLU A 66 3.41 -17.17 15.62
C GLU A 66 2.24 -16.81 14.68
N ILE A 67 2.19 -17.45 13.54
CA ILE A 67 1.08 -17.29 12.56
C ILE A 67 -0.24 -17.68 13.25
N LYS A 68 -0.22 -18.80 13.97
CA LYS A 68 -1.47 -19.35 14.57
C LYS A 68 -2.03 -18.37 15.60
N LYS A 69 -1.22 -17.61 16.32
CA LYS A 69 -1.74 -16.66 17.33
C LYS A 69 -2.23 -15.38 16.69
N GLN A 70 -2.13 -15.25 15.38
CA GLN A 70 -2.64 -14.07 14.65
C GLN A 70 -3.88 -14.48 13.87
N VAL A 71 -3.81 -15.53 13.05
CA VAL A 71 -4.97 -15.93 12.20
C VAL A 71 -6.03 -16.57 13.12
N ARG A 72 -5.57 -17.14 14.24
CA ARG A 72 -6.43 -17.64 15.37
C ARG A 72 -7.44 -18.62 14.79
N SER A 73 -8.71 -18.25 14.65
CA SER A 73 -9.79 -19.16 14.22
C SER A 73 -9.85 -19.23 12.69
N GLY A 74 -9.20 -18.30 11.99
CA GLY A 74 -9.38 -18.08 10.54
C GLY A 74 -8.52 -19.02 9.68
N ALA A 75 -8.77 -19.00 8.39
CA ALA A 75 -8.02 -19.82 7.41
C ALA A 75 -6.62 -19.25 7.31
N TRP A 76 -5.66 -20.10 6.93
CA TRP A 76 -4.26 -19.64 6.72
C TRP A 76 -4.12 -19.13 5.30
N HIS A 77 -4.85 -18.05 5.03
CA HIS A 77 -4.93 -17.42 3.70
C HIS A 77 -4.41 -15.99 3.86
N PHE A 78 -3.55 -15.57 2.96
CA PHE A 78 -2.80 -14.30 3.08
C PHE A 78 -2.75 -13.61 1.74
N SER A 79 -2.40 -12.34 1.74
CA SER A 79 -2.01 -11.60 0.52
C SER A 79 -0.60 -11.07 0.70
N PHE A 80 0.15 -11.00 -0.39
CA PHE A 80 1.46 -10.35 -0.44
C PHE A 80 1.30 -8.90 -0.88
N ASN A 81 1.77 -7.95 -0.10
CA ASN A 81 1.51 -6.51 -0.31
C ASN A 81 2.71 -5.63 0.00
N VAL A 82 2.66 -4.44 -0.59
CA VAL A 82 3.61 -3.37 -0.17
C VAL A 82 3.14 -2.89 1.22
N LYS A 83 4.07 -2.82 2.16
CA LYS A 83 3.80 -2.33 3.53
C LYS A 83 4.29 -0.89 3.65
N PHE A 84 5.51 -0.61 3.18
CA PHE A 84 6.16 0.72 3.26
C PHE A 84 6.42 1.21 1.83
N TYR A 85 5.64 2.19 1.36
CA TYR A 85 5.78 2.66 -0.03
C TYR A 85 7.00 3.57 -0.08
N PRO A 86 8.04 3.27 -0.88
CA PRO A 86 9.23 4.12 -0.91
C PRO A 86 8.92 5.50 -1.46
N PRO A 87 9.30 6.60 -0.78
CA PRO A 87 9.05 7.93 -1.31
C PRO A 87 9.78 8.17 -2.63
N ASP A 88 10.89 7.51 -2.83
CA ASP A 88 11.65 7.66 -4.10
C ASP A 88 12.03 6.29 -4.62
N PRO A 89 11.12 5.70 -5.40
CA PRO A 89 11.36 4.36 -5.93
C PRO A 89 12.62 4.26 -6.80
N ALA A 90 13.10 5.36 -7.38
CA ALA A 90 14.36 5.34 -8.18
C ALA A 90 15.52 4.89 -7.30
N GLN A 91 15.43 5.05 -5.98
CA GLN A 91 16.59 4.71 -5.11
C GLN A 91 16.55 3.23 -4.75
N LEU A 92 15.49 2.48 -5.08
CA LEU A 92 15.53 1.01 -4.83
C LEU A 92 16.65 0.38 -5.66
N SER A 93 17.29 -0.65 -5.14
CA SER A 93 18.50 -1.21 -5.79
C SER A 93 18.10 -2.13 -6.96
N GLU A 94 16.89 -2.72 -6.96
CA GLU A 94 16.55 -3.73 -8.00
C GLU A 94 15.31 -3.34 -8.78
N ASP A 95 15.37 -3.62 -10.06
CA ASP A 95 14.22 -3.49 -10.97
C ASP A 95 13.07 -4.38 -10.46
N ILE A 96 13.35 -5.57 -9.94
CA ILE A 96 12.24 -6.50 -9.62
C ILE A 96 11.45 -5.92 -8.46
N THR A 97 12.11 -5.15 -7.59
CA THR A 97 11.43 -4.47 -6.47
C THR A 97 10.46 -3.46 -7.04
N ARG A 98 10.90 -2.69 -8.03
CA ARG A 98 10.07 -1.61 -8.64
C ARG A 98 8.87 -2.28 -9.33
N TYR A 99 9.12 -3.42 -9.95
CA TYR A 99 8.07 -4.24 -10.65
C TYR A 99 6.96 -4.62 -9.65
N TYR A 100 7.28 -5.20 -8.51
CA TYR A 100 6.24 -5.57 -7.53
C TYR A 100 5.55 -4.30 -7.00
N LEU A 101 6.30 -3.20 -6.81
CA LEU A 101 5.69 -1.94 -6.37
C LEU A 101 4.67 -1.46 -7.42
N CYS A 102 4.99 -1.58 -8.71
CA CYS A 102 4.05 -1.22 -9.81
C CYS A 102 2.81 -2.10 -9.70
N LEU A 103 2.97 -3.41 -9.48
CA LEU A 103 1.76 -4.29 -9.46
C LEU A 103 0.88 -3.83 -8.29
N GLN A 104 1.46 -3.50 -7.14
CA GLN A 104 0.67 -3.06 -5.95
C GLN A 104 -0.12 -1.79 -6.32
N LEU A 105 0.59 -0.82 -6.89
CA LEU A 105 0.01 0.47 -7.23
C LEU A 105 -1.09 0.29 -8.26
N ARG A 106 -0.92 -0.62 -9.22
CA ARG A 106 -2.01 -0.84 -10.21
C ARG A 106 -3.28 -1.29 -9.47
N ASP A 107 -3.14 -2.13 -8.43
CA ASP A 107 -4.31 -2.55 -7.62
C ASP A 107 -4.82 -1.40 -6.75
N ASP A 108 -3.94 -0.61 -6.20
CA ASP A 108 -4.33 0.61 -5.45
C ASP A 108 -5.21 1.49 -6.36
N ILE A 109 -4.84 1.62 -7.62
CA ILE A 109 -5.56 2.52 -8.54
C ILE A 109 -6.92 1.89 -8.90
N VAL A 110 -6.95 0.65 -9.37
CA VAL A 110 -8.18 -0.02 -9.87
C VAL A 110 -9.20 -0.06 -8.72
N SER A 111 -8.70 -0.29 -7.50
CA SER A 111 -9.53 -0.42 -6.27
C SER A 111 -10.12 0.93 -5.87
N GLY A 112 -9.53 2.03 -6.34
CA GLY A 112 -9.84 3.40 -5.92
C GLY A 112 -9.25 3.79 -4.57
N ARG A 113 -8.38 2.99 -3.94
CA ARG A 113 -7.60 3.44 -2.75
C ARG A 113 -6.69 4.63 -3.13
N LEU A 114 -6.25 4.70 -4.39
CA LEU A 114 -5.29 5.73 -4.86
C LEU A 114 -5.98 6.54 -5.94
N PRO A 115 -6.66 7.64 -5.60
CA PRO A 115 -7.37 8.42 -6.60
C PRO A 115 -6.37 9.03 -7.56
N CYS A 116 -6.84 9.31 -8.77
N CYS A 116 -6.77 9.10 -8.84
CA CYS A 116 -5.99 9.68 -9.92
CA CYS A 116 -5.99 9.67 -9.97
C CYS A 116 -6.83 10.40 -10.97
C CYS A 116 -6.91 10.51 -10.85
N SER A 117 -6.33 11.51 -11.53
CA SER A 117 -6.98 12.25 -12.61
C SER A 117 -7.05 11.35 -13.85
N PHE A 118 -7.95 11.70 -14.76
CA PHE A 118 -8.08 11.05 -16.06
C PHE A 118 -6.73 10.93 -16.74
N VAL A 119 -6.00 12.04 -16.88
CA VAL A 119 -4.73 12.04 -17.61
C VAL A 119 -3.71 11.13 -16.92
N THR A 120 -3.61 11.18 -15.59
CA THR A 120 -2.65 10.31 -14.88
C THR A 120 -3.07 8.85 -14.99
N LEU A 121 -4.37 8.53 -14.94
CA LEU A 121 -4.81 7.13 -15.16
C LEU A 121 -4.33 6.66 -16.55
N ALA A 122 -4.49 7.49 -17.58
CA ALA A 122 -4.09 7.14 -18.96
C ALA A 122 -2.57 7.04 -19.08
N LEU A 123 -1.82 7.94 -18.45
CA LEU A 123 -0.34 7.89 -18.53
C LEU A 123 0.19 6.63 -17.83
N LEU A 124 -0.26 6.37 -16.59
CA LEU A 124 0.11 5.14 -15.84
C LEU A 124 -0.25 3.91 -16.66
N GLY A 125 -1.48 3.87 -17.20
CA GLY A 125 -1.92 2.77 -18.06
C GLY A 125 -0.98 2.59 -19.25
N SER A 126 -0.58 3.68 -19.91
CA SER A 126 0.29 3.61 -21.11
C SER A 126 1.67 3.01 -20.76
N TYR A 127 2.20 3.30 -19.58
CA TYR A 127 3.49 2.72 -19.14
C TYR A 127 3.29 1.22 -18.87
N THR A 128 2.21 0.86 -18.21
CA THR A 128 1.89 -0.59 -17.96
C THR A 128 1.88 -1.36 -19.29
N VAL A 129 1.16 -0.83 -20.28
CA VAL A 129 1.04 -1.53 -21.59
C VAL A 129 2.43 -1.61 -22.23
N GLN A 130 3.20 -0.53 -22.21
CA GLN A 130 4.56 -0.53 -22.80
C GLN A 130 5.40 -1.62 -22.12
N SER A 131 5.37 -1.67 -20.79
N SER A 131 5.32 -1.70 -20.79
CA SER A 131 6.09 -2.69 -19.99
CA SER A 131 6.08 -2.68 -19.96
C SER A 131 5.58 -4.09 -20.36
C SER A 131 5.55 -4.11 -20.16
N GLU A 132 4.25 -4.28 -20.39
CA GLU A 132 3.63 -5.62 -20.57
C GLU A 132 3.70 -6.09 -22.03
N LEU A 133 3.43 -5.24 -23.03
CA LEU A 133 3.34 -5.68 -24.45
C LEU A 133 4.51 -5.17 -25.28
N GLY A 134 5.25 -4.16 -24.80
CA GLY A 134 6.29 -3.53 -25.63
C GLY A 134 5.69 -2.49 -26.55
N ASP A 135 6.31 -2.24 -27.69
CA ASP A 135 5.97 -1.11 -28.59
C ASP A 135 4.55 -1.25 -29.09
N TYR A 136 3.87 -0.11 -29.27
CA TYR A 136 2.54 -0.01 -29.86
C TYR A 136 2.54 -0.74 -31.22
N ASP A 137 1.54 -1.60 -31.39
CA ASP A 137 1.22 -2.27 -32.67
C ASP A 137 -0.24 -1.98 -33.04
N PRO A 138 -0.49 -1.32 -34.20
CA PRO A 138 -1.86 -1.12 -34.68
C PRO A 138 -2.59 -2.42 -34.99
N ASP A 139 -1.88 -3.55 -35.15
CA ASP A 139 -2.48 -4.88 -35.47
C ASP A 139 -3.43 -5.33 -34.36
N GLU A 140 -3.02 -5.14 -33.10
CA GLU A 140 -3.80 -5.53 -31.90
C GLU A 140 -4.92 -4.50 -31.66
N CYS A 141 -4.66 -3.24 -32.03
CA CYS A 141 -5.49 -2.06 -31.67
C CYS A 141 -6.20 -1.48 -32.90
N GLY A 142 -7.53 -1.48 -32.88
CA GLY A 142 -8.39 -0.72 -33.82
C GLY A 142 -9.10 0.41 -33.09
N SER A 143 -9.87 1.22 -33.82
CA SER A 143 -10.65 2.35 -33.26
C SER A 143 -11.53 1.85 -32.10
N ASP A 144 -11.85 0.55 -32.08
CA ASP A 144 -12.78 -0.07 -31.10
C ASP A 144 -12.01 -0.85 -30.02
N TYR A 145 -10.70 -0.65 -29.88
CA TYR A 145 -9.86 -1.40 -28.90
C TYR A 145 -10.27 -1.12 -27.43
N ILE A 146 -10.40 -2.20 -26.67
CA ILE A 146 -10.47 -2.21 -25.17
C ILE A 146 -9.42 -3.20 -24.63
N SER A 147 -8.43 -2.71 -23.89
CA SER A 147 -7.29 -3.47 -23.32
C SER A 147 -7.82 -4.46 -22.29
N GLU A 148 -7.13 -5.60 -22.12
CA GLU A 148 -7.46 -6.56 -21.04
C GLU A 148 -7.05 -5.96 -19.70
N PHE A 149 -6.12 -5.01 -19.73
CA PHE A 149 -5.55 -4.38 -18.51
C PHE A 149 -6.66 -3.52 -17.93
N ARG A 150 -6.79 -3.72 -16.64
CA ARG A 150 -7.56 -2.87 -15.71
C ARG A 150 -6.64 -1.70 -15.34
N PHE A 151 -7.13 -0.51 -15.61
CA PHE A 151 -6.40 0.77 -15.48
C PHE A 151 -7.04 1.66 -14.42
N ALA A 152 -8.33 1.49 -14.08
CA ALA A 152 -9.07 2.51 -13.33
C ALA A 152 -10.26 1.87 -12.64
N PRO A 153 -10.80 2.55 -11.62
CA PRO A 153 -11.97 2.01 -10.92
C PRO A 153 -13.19 2.00 -11.86
N ASN A 154 -13.24 2.90 -12.83
CA ASN A 154 -14.32 2.91 -13.84
C ASN A 154 -13.69 3.17 -15.21
N HIS A 155 -13.82 2.20 -16.11
CA HIS A 155 -13.27 2.31 -17.47
C HIS A 155 -14.26 3.02 -18.42
N THR A 156 -13.72 3.86 -19.29
CA THR A 156 -14.47 4.49 -20.40
C THR A 156 -13.71 4.27 -21.70
N LYS A 157 -14.43 4.38 -22.81
CA LYS A 157 -13.80 4.31 -24.13
C LYS A 157 -12.79 5.46 -24.26
N GLU A 158 -13.12 6.64 -23.74
CA GLU A 158 -12.19 7.80 -23.82
C GLU A 158 -10.86 7.45 -23.10
N LEU A 159 -10.94 6.76 -21.97
CA LEU A 159 -9.70 6.42 -21.21
C LEU A 159 -8.91 5.40 -22.03
N GLU A 160 -9.57 4.42 -22.60
CA GLU A 160 -8.87 3.40 -23.44
C GLU A 160 -8.17 4.08 -24.59
N ASP A 161 -8.82 5.08 -25.20
CA ASP A 161 -8.25 5.82 -26.35
C ASP A 161 -7.01 6.60 -25.91
N LYS A 162 -7.05 7.21 -24.74
CA LYS A 162 -5.93 8.06 -24.27
C LYS A 162 -4.74 7.16 -23.93
N VAL A 163 -4.97 6.01 -23.33
CA VAL A 163 -3.89 5.02 -23.06
C VAL A 163 -3.17 4.71 -24.38
N ILE A 164 -3.89 4.38 -25.44
CA ILE A 164 -3.28 4.04 -26.76
C ILE A 164 -2.49 5.23 -27.28
N GLU A 165 -3.08 6.42 -27.21
CA GLU A 165 -2.42 7.64 -27.74
C GLU A 165 -1.07 7.80 -27.04
N LEU A 166 -1.03 7.61 -25.72
CA LEU A 166 0.23 7.83 -24.98
C LEU A 166 1.15 6.63 -25.23
N HIS A 167 0.58 5.43 -25.40
CA HIS A 167 1.38 4.22 -25.65
C HIS A 167 2.18 4.43 -26.94
N LYS A 168 1.57 5.07 -27.92
CA LYS A 168 2.26 5.32 -29.20
C LYS A 168 3.56 6.11 -28.96
N SER A 169 3.58 7.00 -27.97
CA SER A 169 4.71 7.94 -27.76
C SER A 169 5.86 7.17 -27.09
N HIS A 170 5.66 5.94 -26.60
CA HIS A 170 6.69 5.26 -25.76
C HIS A 170 7.53 4.25 -26.57
N ARG A 171 7.49 4.32 -27.92
CA ARG A 171 8.25 3.35 -28.76
C ARG A 171 9.71 3.24 -28.31
N GLY A 172 10.18 2.01 -28.08
CA GLY A 172 11.58 1.66 -27.78
C GLY A 172 11.86 1.57 -26.29
N MET A 173 10.86 1.86 -25.46
CA MET A 173 11.00 1.88 -23.99
C MET A 173 11.03 0.45 -23.48
N THR A 174 12.00 0.13 -22.63
CA THR A 174 12.09 -1.23 -22.04
C THR A 174 11.15 -1.34 -20.85
N PRO A 175 10.83 -2.56 -20.39
CA PRO A 175 9.93 -2.72 -19.26
C PRO A 175 10.43 -2.00 -18.01
N ALA A 176 11.72 -2.10 -17.69
CA ALA A 176 12.31 -1.43 -16.51
C ALA A 176 12.14 0.09 -16.63
N GLU A 177 12.36 0.61 -17.81
CA GLU A 177 12.25 2.07 -18.06
C GLU A 177 10.78 2.53 -17.90
N ALA A 178 9.83 1.77 -18.42
CA ALA A 178 8.38 2.08 -18.39
C ALA A 178 7.90 2.02 -16.93
N GLU A 179 8.35 1.00 -16.20
CA GLU A 179 8.05 0.84 -14.75
C GLU A 179 8.61 2.03 -13.98
N MET A 180 9.85 2.45 -14.27
CA MET A 180 10.42 3.61 -13.57
C MET A 180 9.54 4.85 -13.85
N HIS A 181 9.14 5.10 -15.09
CA HIS A 181 8.24 6.25 -15.42
C HIS A 181 6.88 6.12 -14.70
N PHE A 182 6.36 4.92 -14.66
CA PHE A 182 5.10 4.68 -13.93
C PHE A 182 5.28 5.20 -12.50
N LEU A 183 6.36 4.80 -11.83
CA LEU A 183 6.59 5.14 -10.43
C LEU A 183 6.86 6.64 -10.23
N GLU A 184 7.58 7.28 -11.15
CA GLU A 184 7.88 8.74 -11.08
C GLU A 184 6.57 9.52 -11.07
N ASN A 185 5.56 9.06 -11.81
CA ASN A 185 4.22 9.70 -11.82
C ASN A 185 3.41 9.28 -10.58
N ALA A 186 3.39 7.98 -10.25
CA ALA A 186 2.52 7.49 -9.15
C ALA A 186 2.92 8.15 -7.82
N LYS A 187 4.23 8.31 -7.59
CA LYS A 187 4.82 8.71 -6.29
C LYS A 187 4.34 10.13 -5.97
N LYS A 188 3.84 10.87 -6.95
CA LYS A 188 3.47 12.29 -6.72
C LYS A 188 2.01 12.44 -6.30
N LEU A 189 1.23 11.38 -6.41
CA LEU A 189 -0.24 11.44 -6.18
C LEU A 189 -0.45 11.74 -4.69
N SER A 190 -1.45 12.55 -4.36
CA SER A 190 -1.62 13.03 -2.98
C SER A 190 -1.92 11.85 -2.04
N MET A 191 -2.43 10.70 -2.53
CA MET A 191 -2.71 9.55 -1.62
C MET A 191 -1.68 8.42 -1.82
N TYR A 192 -0.57 8.65 -2.52
CA TYR A 192 0.50 7.63 -2.63
C TYR A 192 0.99 7.21 -1.25
N GLY A 193 0.86 5.92 -0.97
CA GLY A 193 1.44 5.29 0.23
C GLY A 193 0.73 5.75 1.49
N VAL A 194 -0.48 6.29 1.36
CA VAL A 194 -1.30 6.73 2.53
C VAL A 194 -2.23 5.61 2.92
N ASP A 195 -2.09 5.12 4.15
CA ASP A 195 -2.96 4.08 4.74
C ASP A 195 -4.06 4.82 5.52
N LEU A 196 -5.32 4.73 5.08
CA LEU A 196 -6.45 5.48 5.70
C LEU A 196 -7.19 4.68 6.76
N HIS A 197 -7.48 5.34 7.87
CA HIS A 197 -8.25 4.75 8.99
C HIS A 197 -9.42 5.65 9.35
N HIS A 198 -10.64 5.10 9.40
CA HIS A 198 -11.85 5.79 9.90
C HIS A 198 -11.72 6.06 11.40
N ALA A 199 -12.06 7.28 11.82
CA ALA A 199 -12.00 7.73 13.23
C ALA A 199 -12.98 8.87 13.46
N LYS A 200 -13.23 9.19 14.72
CA LYS A 200 -13.95 10.42 15.13
C LYS A 200 -13.01 11.30 15.95
N ASP A 201 -13.16 12.62 15.82
CA ASP A 201 -12.33 13.56 16.61
C ASP A 201 -12.97 13.61 18.00
N SER A 202 -12.37 14.36 18.91
CA SER A 202 -12.84 14.53 20.32
C SER A 202 -14.27 15.10 20.40
N GLU A 203 -14.82 15.63 19.30
CA GLU A 203 -16.21 16.17 19.29
C GLU A 203 -17.15 15.19 18.56
N GLY A 204 -16.70 13.96 18.23
CA GLY A 204 -17.51 12.93 17.56
C GLY A 204 -17.67 13.15 16.06
N VAL A 205 -16.94 14.10 15.46
CA VAL A 205 -17.01 14.39 14.00
C VAL A 205 -16.18 13.33 13.25
N GLU A 206 -16.76 12.71 12.21
CA GLU A 206 -16.14 11.62 11.40
C GLU A 206 -14.95 12.22 10.65
N ILE A 207 -13.76 11.65 10.85
CA ILE A 207 -12.52 12.07 10.14
C ILE A 207 -11.87 10.80 9.58
N MET A 208 -10.82 10.99 8.79
CA MET A 208 -9.92 9.91 8.34
C MET A 208 -8.54 10.27 8.86
N LEU A 209 -7.81 9.29 9.35
CA LEU A 209 -6.38 9.46 9.66
C LEU A 209 -5.57 8.73 8.59
N GLY A 210 -4.59 9.39 8.02
CA GLY A 210 -3.72 8.75 7.02
C GLY A 210 -2.36 8.55 7.62
N VAL A 211 -1.79 7.36 7.44
CA VAL A 211 -0.42 7.06 7.91
C VAL A 211 0.45 6.95 6.65
N CYS A 212 1.59 7.61 6.64
CA CYS A 212 2.49 7.56 5.48
C CYS A 212 3.92 7.84 5.93
N ALA A 213 4.87 7.81 5.00
CA ALA A 213 6.30 8.06 5.25
C ALA A 213 6.53 9.40 5.99
N SER A 214 5.82 10.46 5.59
CA SER A 214 6.15 11.82 6.07
C SER A 214 5.50 12.06 7.44
N GLY A 215 4.41 11.34 7.75
CA GLY A 215 3.82 11.50 9.09
C GLY A 215 2.37 11.08 9.13
N LEU A 216 1.60 11.77 9.97
CA LEU A 216 0.18 11.46 10.16
C LEU A 216 -0.63 12.62 9.58
N LEU A 217 -1.67 12.28 8.79
CA LEU A 217 -2.62 13.24 8.17
C LEU A 217 -3.94 13.11 8.90
N ILE A 218 -4.61 14.23 9.17
CA ILE A 218 -5.99 14.22 9.71
C ILE A 218 -6.83 14.89 8.64
N TYR A 219 -7.65 14.12 7.94
CA TYR A 219 -8.63 14.61 6.94
C TYR A 219 -9.94 14.91 7.68
N ARG A 220 -10.12 16.18 8.09
CA ARG A 220 -11.35 16.68 8.74
C ARG A 220 -12.36 17.05 7.64
N ASP A 221 -11.86 17.64 6.56
CA ASP A 221 -12.54 17.73 5.23
C ASP A 221 -11.47 18.17 4.21
N ARG A 222 -11.88 18.43 2.96
CA ARG A 222 -10.97 18.85 1.86
C ARG A 222 -10.55 20.32 2.11
N LEU A 223 -11.29 21.04 2.95
CA LEU A 223 -11.02 22.45 3.35
C LEU A 223 -10.04 22.48 4.55
N ARG A 224 -9.97 21.39 5.32
CA ARG A 224 -9.16 21.31 6.57
C ARG A 224 -8.50 19.93 6.70
N ILE A 225 -7.33 19.76 6.08
CA ILE A 225 -6.38 18.63 6.31
C ILE A 225 -5.26 19.14 7.24
N ASN A 226 -5.07 18.47 8.38
CA ASN A 226 -3.94 18.74 9.31
C ASN A 226 -2.87 17.67 9.08
N ARG A 227 -1.61 18.08 9.18
CA ARG A 227 -0.40 17.28 8.86
C ARG A 227 0.60 17.39 10.01
N PHE A 228 1.06 16.25 10.52
CA PHE A 228 2.00 16.19 11.65
C PHE A 228 3.20 15.39 11.15
N ALA A 229 4.25 16.09 10.68
CA ALA A 229 5.52 15.43 10.29
C ALA A 229 5.90 14.51 11.46
N TRP A 230 6.48 13.34 11.18
CA TRP A 230 6.93 12.39 12.23
C TRP A 230 7.75 13.06 13.35
N PRO A 231 8.63 14.05 13.04
CA PRO A 231 9.31 14.86 14.05
C PRO A 231 8.44 15.63 15.05
N LYS A 232 7.25 16.08 14.61
CA LYS A 232 6.29 16.87 15.43
C LYS A 232 5.53 15.94 16.37
N VAL A 233 5.54 14.63 16.09
CA VAL A 233 4.80 13.59 16.89
C VAL A 233 5.68 13.11 18.05
N LEU A 234 5.41 13.59 19.27
CA LEU A 234 6.15 13.19 20.51
C LEU A 234 6.00 11.69 20.75
N LYS A 235 4.76 11.23 20.97
CA LYS A 235 4.47 9.81 21.32
C LYS A 235 3.07 9.43 20.81
N ILE A 236 2.85 8.12 20.69
CA ILE A 236 1.58 7.49 20.24
C ILE A 236 1.13 6.49 21.31
N SER A 237 -0.17 6.27 21.41
CA SER A 237 -0.78 5.36 22.42
C SER A 237 -2.20 5.01 22.06
N TYR A 238 -2.66 3.85 22.52
CA TYR A 238 -4.09 3.49 22.45
C TYR A 238 -4.54 3.08 23.85
N LYS A 239 -5.80 3.33 24.14
CA LYS A 239 -6.43 2.87 25.40
C LYS A 239 -7.90 2.67 25.08
N ARG A 240 -8.41 1.45 25.26
CA ARG A 240 -9.81 1.09 24.93
C ARG A 240 -10.03 1.37 23.44
N ASN A 241 -11.00 2.21 23.07
CA ASN A 241 -11.36 2.50 21.65
C ASN A 241 -10.63 3.76 21.18
N ASN A 242 -9.69 4.26 21.99
CA ASN A 242 -9.11 5.60 21.76
C ASN A 242 -7.66 5.49 21.32
N PHE A 243 -7.29 6.40 20.44
CA PHE A 243 -5.93 6.54 19.91
C PHE A 243 -5.52 7.99 20.21
N TYR A 244 -4.35 8.16 20.78
CA TYR A 244 -3.80 9.48 21.19
C TYR A 244 -2.42 9.68 20.54
N ILE A 245 -2.28 10.92 20.06
CA ILE A 245 -1.03 11.53 19.50
C ILE A 245 -0.71 12.78 20.35
N LYS A 246 0.51 12.77 20.87
CA LYS A 246 1.11 13.90 21.63
C LYS A 246 1.95 14.67 20.62
N ILE A 247 1.70 15.97 20.50
CA ILE A 247 2.39 16.85 19.50
C ILE A 247 3.34 17.81 20.24
N ARG A 248 4.59 17.89 19.77
CA ARG A 248 5.62 18.82 20.31
C ARG A 248 5.00 20.21 20.47
N PRO A 249 5.42 20.96 21.51
CA PRO A 249 5.09 22.39 21.57
C PRO A 249 5.93 23.11 20.49
N GLY A 250 5.41 24.19 19.92
CA GLY A 250 6.25 25.19 19.23
C GLY A 250 7.34 25.68 20.17
N GLU A 251 8.57 25.83 19.66
CA GLU A 251 9.74 26.30 20.46
C GLU A 251 9.32 27.50 21.33
N PHE A 252 9.33 27.32 22.66
CA PHE A 252 8.99 28.35 23.68
C PHE A 252 7.49 28.29 24.06
N GLU A 253 6.90 27.10 24.20
CA GLU A 253 5.48 26.94 24.59
C GLU A 253 5.33 26.13 25.89
N GLN A 254 6.39 25.44 26.31
CA GLN A 254 6.51 24.75 27.62
C GLN A 254 5.94 23.32 27.55
N PHE A 255 4.73 23.13 27.00
CA PHE A 255 3.98 21.84 27.08
C PHE A 255 3.56 21.35 25.69
N GLU A 256 3.62 20.03 25.48
CA GLU A 256 3.08 19.31 24.31
C GLU A 256 1.54 19.38 24.31
N SER A 257 0.90 19.14 23.17
CA SER A 257 -0.58 19.08 23.04
C SER A 257 -0.98 17.60 22.88
N THR A 258 -2.22 17.25 23.20
CA THR A 258 -2.75 15.88 22.98
C THR A 258 -3.97 16.01 22.09
N ILE A 259 -3.96 15.22 21.03
CA ILE A 259 -5.12 15.04 20.13
C ILE A 259 -5.59 13.59 20.33
N GLY A 260 -6.86 13.47 20.66
CA GLY A 260 -7.50 12.16 20.90
C GLY A 260 -8.42 11.84 19.75
N PHE A 261 -8.48 10.55 19.42
CA PHE A 261 -9.41 10.01 18.42
C PHE A 261 -10.13 8.78 18.96
N LYS A 262 -11.38 8.65 18.54
CA LYS A 262 -12.26 7.53 18.86
C LYS A 262 -12.27 6.63 17.64
N LEU A 263 -11.81 5.40 17.81
CA LEU A 263 -11.83 4.38 16.72
C LEU A 263 -13.06 3.49 16.91
N PRO A 264 -13.47 2.77 15.85
CA PRO A 264 -14.67 1.92 15.89
C PRO A 264 -14.71 0.92 17.06
N ASN A 265 -13.57 0.39 17.44
CA ASN A 265 -13.46 -0.66 18.49
C ASN A 265 -12.00 -0.74 18.90
N HIS A 266 -11.71 -1.54 19.91
CA HIS A 266 -10.37 -1.64 20.52
C HIS A 266 -9.36 -2.17 19.51
N ARG A 267 -9.77 -3.14 18.68
CA ARG A 267 -8.85 -3.77 17.68
C ARG A 267 -8.47 -2.74 16.63
N ALA A 268 -9.40 -1.90 16.19
CA ALA A 268 -9.11 -0.84 15.19
C ALA A 268 -8.14 0.19 15.81
N ALA A 269 -8.25 0.48 17.11
CA ALA A 269 -7.32 1.43 17.77
C ALA A 269 -5.93 0.80 17.81
N LYS A 270 -5.83 -0.48 18.18
CA LYS A 270 -4.52 -1.16 18.33
C LYS A 270 -3.85 -1.26 16.95
N ARG A 271 -4.62 -1.56 15.92
CA ARG A 271 -4.16 -1.71 14.52
C ARG A 271 -3.55 -0.37 14.06
N LEU A 272 -4.25 0.73 14.32
CA LEU A 272 -3.76 2.09 13.95
C LEU A 272 -2.45 2.37 14.70
N TRP A 273 -2.42 2.11 16.01
CA TRP A 273 -1.21 2.34 16.84
C TRP A 273 -0.04 1.59 16.19
N LYS A 274 -0.22 0.33 15.82
CA LYS A 274 0.93 -0.52 15.41
C LYS A 274 1.45 -0.05 14.05
N VAL A 275 0.56 0.28 13.13
CA VAL A 275 0.98 0.80 11.79
C VAL A 275 1.69 2.15 11.95
N CYS A 276 1.26 3.02 12.86
CA CYS A 276 1.97 4.29 13.13
C CYS A 276 3.39 4.02 13.67
N VAL A 277 3.51 3.18 14.70
CA VAL A 277 4.84 2.83 15.27
C VAL A 277 5.71 2.30 14.14
N GLU A 278 5.20 1.37 13.34
CA GLU A 278 6.04 0.74 12.28
C GLU A 278 6.46 1.80 11.26
N HIS A 279 5.55 2.67 10.83
CA HIS A 279 5.88 3.76 9.87
C HIS A 279 6.91 4.69 10.49
N HIS A 280 6.73 5.09 11.75
CA HIS A 280 7.69 6.04 12.38
C HIS A 280 9.09 5.41 12.40
N THR A 281 9.18 4.14 12.79
CA THR A 281 10.50 3.44 12.83
C THR A 281 11.09 3.39 11.42
N PHE A 282 10.29 2.97 10.46
CA PHE A 282 10.81 2.66 9.11
C PHE A 282 11.36 3.96 8.54
N PHE A 283 10.58 5.02 8.64
CA PHE A 283 10.85 6.32 7.95
C PHE A 283 11.82 7.19 8.78
N ARG A 284 12.06 6.80 10.04
CA ARG A 284 13.14 7.32 10.91
C ARG A 284 14.50 6.82 10.40
N LEU A 285 14.54 5.65 9.76
CA LEU A 285 15.78 4.94 9.37
C LEU A 285 16.07 5.12 7.88
N LEU A 286 15.10 5.60 7.10
CA LEU A 286 15.25 5.82 5.64
C LEU A 286 16.05 7.12 5.44
#